data_1OUU
#
_entry.id   1OUU
#
_cell.length_a   65.200
_cell.length_b   79.800
_cell.length_c   122.900
_cell.angle_alpha   90.00
_cell.angle_beta   90.00
_cell.angle_gamma   90.00
#
_symmetry.space_group_name_H-M   'P 21 21 21'
#
loop_
_entity.id
_entity.type
_entity.pdbx_description
1 polymer 'HEMOGLOBIN I'
2 polymer 'HEMOGLOBIN I'
3 non-polymer 'PROTOPORPHYRIN IX CONTAINING FE'
4 non-polymer 'CARBON MONOXIDE'
5 water water
#
loop_
_entity_poly.entity_id
_entity_poly.type
_entity_poly.pdbx_seq_one_letter_code
_entity_poly.pdbx_strand_id
1 'polypeptide(L)'
;(ACE)SLTAKDKSVVKAFWGKISGKADVVGAEALGRMLTAYPQTKTYFSHWADLSPGSGPVKKHGGIIMGAIGKAVGLMD
DLVGGMSALSDLHAFKLRVDPGNFKILSHNILVTLAIHFPSDFTPEVHIAVDKFLAAVSAALADKYR
;
A,C
2 'polypeptide(L)'
;VEWTDAEKSTISAVWGKVNIDEIGPLALARVLIVYPWTQRYFGSFGNVSTPAAIMGNPKVAAHGKVVCGALDKAVKNMGN
ILATYKSLSETHANKLFVDPDNFRVLADVLTIVIAAKFGASFTPEIQATWQKFMKVVVAAMGSRYF
;
B,D
#
# COMPACT_ATOMS: atom_id res chain seq x y z
N SER A 2 -0.56 -9.79 -14.37
CA SER A 2 -1.18 -10.69 -15.31
C SER A 2 -0.79 -10.07 -16.69
N LEU A 3 0.32 -10.62 -17.17
CA LEU A 3 0.92 -10.15 -18.40
C LEU A 3 0.26 -10.68 -19.67
N THR A 4 -0.27 -9.74 -20.48
CA THR A 4 -0.95 -10.15 -21.72
C THR A 4 0.13 -10.49 -22.75
N ALA A 5 -0.36 -10.95 -23.88
CA ALA A 5 0.47 -11.26 -25.04
C ALA A 5 1.07 -9.94 -25.59
N LYS A 6 0.29 -8.87 -25.54
CA LYS A 6 0.70 -7.54 -25.90
C LYS A 6 1.85 -7.15 -24.95
N ASP A 7 1.61 -7.22 -23.64
CA ASP A 7 2.56 -6.94 -22.60
C ASP A 7 3.90 -7.63 -22.74
N LYS A 8 3.96 -8.93 -22.99
CA LYS A 8 5.25 -9.62 -23.13
C LYS A 8 5.98 -9.20 -24.37
N SER A 9 5.27 -8.87 -25.45
CA SER A 9 5.91 -8.43 -26.68
C SER A 9 6.54 -7.07 -26.46
N VAL A 10 5.81 -6.15 -25.82
CA VAL A 10 6.38 -4.83 -25.55
C VAL A 10 7.58 -4.98 -24.62
N VAL A 11 7.48 -5.90 -23.67
CA VAL A 11 8.57 -6.11 -22.71
C VAL A 11 9.83 -6.58 -23.45
N LYS A 12 9.70 -7.67 -24.18
CA LYS A 12 10.76 -8.25 -24.95
C LYS A 12 11.37 -7.25 -25.93
N ALA A 13 10.54 -6.51 -26.64
CA ALA A 13 11.04 -5.50 -27.60
C ALA A 13 11.92 -4.46 -26.90
N PHE A 14 11.35 -3.83 -25.87
CA PHE A 14 12.07 -2.85 -25.09
C PHE A 14 13.34 -3.39 -24.44
N TRP A 15 13.26 -4.62 -23.94
CA TRP A 15 14.39 -5.32 -23.33
C TRP A 15 15.52 -5.41 -24.35
N GLY A 16 15.15 -5.59 -25.63
CA GLY A 16 16.12 -5.67 -26.71
C GLY A 16 16.86 -4.32 -26.81
N LYS A 17 16.09 -3.24 -26.63
CA LYS A 17 16.71 -1.92 -26.69
C LYS A 17 17.65 -1.70 -25.51
N ILE A 18 17.21 -1.97 -24.28
CA ILE A 18 18.06 -1.72 -23.12
C ILE A 18 19.14 -2.71 -22.84
N SER A 19 19.06 -3.95 -23.29
CA SER A 19 20.06 -4.96 -23.07
C SER A 19 21.49 -4.42 -22.99
N GLY A 20 22.01 -3.76 -24.01
CA GLY A 20 23.34 -3.22 -24.02
C GLY A 20 23.84 -2.39 -22.87
N LYS A 21 23.02 -1.58 -22.22
CA LYS A 21 23.37 -0.75 -21.08
C LYS A 21 23.04 -1.31 -19.71
N ALA A 22 22.42 -2.47 -19.62
CA ALA A 22 21.96 -3.15 -18.42
C ALA A 22 22.79 -3.03 -17.16
N ASP A 23 24.10 -3.20 -17.15
CA ASP A 23 24.92 -3.09 -15.94
C ASP A 23 24.94 -1.69 -15.36
N VAL A 24 24.81 -0.67 -16.23
CA VAL A 24 24.72 0.73 -15.89
C VAL A 24 23.34 1.09 -15.28
N VAL A 25 22.28 0.55 -15.91
CA VAL A 25 20.95 0.79 -15.38
C VAL A 25 20.81 0.13 -13.99
N GLY A 26 21.25 -1.12 -13.84
CA GLY A 26 21.14 -1.77 -12.53
C GLY A 26 21.89 -0.98 -11.45
N ALA A 27 23.16 -0.77 -11.81
CA ALA A 27 24.07 -0.01 -10.94
C ALA A 27 23.46 1.29 -10.51
N GLU A 28 22.94 2.07 -11.51
CA GLU A 28 22.34 3.37 -11.20
C GLU A 28 21.07 3.29 -10.39
N ALA A 29 20.23 2.28 -10.72
CA ALA A 29 18.97 2.16 -9.95
C ALA A 29 19.29 1.82 -8.49
N LEU A 30 20.29 0.94 -8.25
CA LEU A 30 20.62 0.57 -6.88
C LEU A 30 21.10 1.75 -6.07
N GLY A 31 22.02 2.51 -6.68
CA GLY A 31 22.57 3.70 -6.04
C GLY A 31 21.54 4.74 -5.69
N ARG A 32 20.46 4.80 -6.49
CA ARG A 32 19.37 5.74 -6.26
C ARG A 32 18.49 5.31 -5.12
N MET A 33 18.30 3.98 -5.00
CA MET A 33 17.49 3.44 -3.94
C MET A 33 18.08 3.67 -2.54
N LEU A 34 19.39 3.41 -2.38
CA LEU A 34 20.08 3.58 -1.11
C LEU A 34 20.22 5.04 -0.71
N THR A 35 20.39 5.92 -1.69
CA THR A 35 20.53 7.36 -1.49
C THR A 35 19.17 8.02 -1.35
N ALA A 36 18.16 7.75 -2.20
CA ALA A 36 16.86 8.41 -2.00
C ALA A 36 16.02 7.73 -0.93
N TYR A 37 16.22 6.44 -0.71
CA TYR A 37 15.42 5.68 0.27
C TYR A 37 16.32 4.96 1.25
N PRO A 38 16.83 5.68 2.24
CA PRO A 38 17.78 5.20 3.24
C PRO A 38 17.41 4.05 4.14
N GLN A 39 16.16 3.67 4.36
CA GLN A 39 15.74 2.52 5.10
C GLN A 39 16.12 1.18 4.45
N THR A 40 16.61 1.18 3.22
CA THR A 40 17.03 0.00 2.49
C THR A 40 18.45 -0.39 2.86
N LYS A 41 19.17 0.60 3.36
CA LYS A 41 20.55 0.51 3.75
C LYS A 41 20.90 -0.53 4.79
N THR A 42 19.96 -0.92 5.67
CA THR A 42 20.29 -1.91 6.72
C THR A 42 20.59 -3.27 6.15
N TYR A 43 20.01 -3.62 5.01
CA TYR A 43 20.28 -4.91 4.41
C TYR A 43 21.66 -5.04 3.82
N PHE A 44 22.36 -3.91 3.59
CA PHE A 44 23.67 -3.95 2.92
C PHE A 44 24.81 -3.45 3.77
N SER A 45 24.71 -3.53 5.08
CA SER A 45 25.69 -3.12 6.06
C SER A 45 27.09 -3.71 5.99
N HIS A 46 27.34 -4.84 5.42
CA HIS A 46 28.59 -5.52 5.25
C HIS A 46 29.43 -5.02 4.07
N TRP A 47 28.89 -4.03 3.36
CA TRP A 47 29.46 -3.37 2.23
C TRP A 47 30.23 -2.12 2.72
N ALA A 48 31.40 -1.99 2.14
CA ALA A 48 32.37 -0.94 2.31
C ALA A 48 31.85 0.47 1.98
N ASP A 49 31.33 0.60 0.73
CA ASP A 49 30.79 1.86 0.26
C ASP A 49 29.34 1.68 -0.20
N LEU A 50 28.41 2.48 0.34
CA LEU A 50 27.02 2.33 -0.09
C LEU A 50 26.60 3.41 -1.07
N SER A 51 27.57 4.27 -1.40
CA SER A 51 27.36 5.41 -2.29
C SER A 51 27.33 5.04 -3.77
N PRO A 52 26.51 5.83 -4.47
CA PRO A 52 26.27 5.77 -5.90
C PRO A 52 27.60 5.67 -6.62
N GLY A 53 27.79 4.58 -7.39
CA GLY A 53 29.04 4.43 -8.10
C GLY A 53 30.05 3.61 -7.33
N SER A 54 29.75 3.20 -6.08
CA SER A 54 30.79 2.36 -5.41
C SER A 54 30.88 1.02 -6.13
N GLY A 55 31.99 0.32 -5.89
CA GLY A 55 32.32 -0.96 -6.45
C GLY A 55 31.32 -2.08 -6.27
N PRO A 56 30.95 -2.34 -5.02
CA PRO A 56 29.99 -3.36 -4.63
C PRO A 56 28.60 -2.95 -5.09
N VAL A 57 28.38 -1.61 -5.07
CA VAL A 57 27.11 -1.03 -5.54
C VAL A 57 27.04 -1.34 -7.04
N LYS A 58 28.12 -1.08 -7.79
CA LYS A 58 28.16 -1.40 -9.20
C LYS A 58 28.01 -2.90 -9.47
N LYS A 59 28.87 -3.67 -8.80
CA LYS A 59 28.84 -5.14 -9.02
C LYS A 59 27.47 -5.71 -8.72
N HIS A 60 26.83 -5.35 -7.59
CA HIS A 60 25.55 -5.92 -7.29
C HIS A 60 24.48 -5.45 -8.24
N GLY A 61 24.46 -4.21 -8.68
CA GLY A 61 23.45 -3.70 -9.62
C GLY A 61 23.34 -4.44 -10.95
N GLY A 62 24.45 -5.02 -11.40
CA GLY A 62 24.48 -5.80 -12.62
C GLY A 62 23.93 -7.19 -12.29
N ILE A 63 24.13 -7.64 -11.02
CA ILE A 63 23.61 -8.96 -10.61
C ILE A 63 22.09 -8.92 -10.69
N ILE A 64 21.49 -7.86 -10.18
CA ILE A 64 20.05 -7.63 -10.27
C ILE A 64 19.50 -7.54 -11.69
N MET A 65 20.18 -6.87 -12.62
CA MET A 65 19.66 -6.74 -13.99
C MET A 65 19.79 -8.03 -14.75
N GLY A 66 20.78 -8.84 -14.42
CA GLY A 66 20.91 -10.14 -15.07
C GLY A 66 19.80 -11.09 -14.55
N ALA A 67 19.30 -10.88 -13.32
CA ALA A 67 18.20 -11.69 -12.80
C ALA A 67 16.87 -11.30 -13.49
N ILE A 68 16.71 -9.98 -13.65
CA ILE A 68 15.51 -9.45 -14.33
C ILE A 68 15.55 -9.83 -15.80
N GLY A 69 16.72 -9.73 -16.43
CA GLY A 69 16.92 -10.12 -17.82
C GLY A 69 16.43 -11.55 -18.05
N LYS A 70 16.64 -12.45 -17.10
CA LYS A 70 16.27 -13.85 -17.14
C LYS A 70 14.78 -14.04 -16.90
N ALA A 71 14.18 -13.18 -16.07
CA ALA A 71 12.74 -13.24 -15.82
C ALA A 71 11.98 -12.89 -17.11
N VAL A 72 12.61 -12.13 -17.99
CA VAL A 72 12.09 -11.79 -19.30
C VAL A 72 11.83 -13.09 -20.08
N GLY A 73 12.73 -14.09 -19.95
CA GLY A 73 12.54 -15.37 -20.62
C GLY A 73 11.59 -16.33 -19.90
N LEU A 74 11.34 -16.07 -18.61
CA LEU A 74 10.48 -16.85 -17.74
C LEU A 74 9.11 -16.22 -17.56
N MET A 75 8.70 -15.31 -18.44
CA MET A 75 7.42 -14.63 -18.33
C MET A 75 6.20 -15.52 -18.40
N ASP A 76 6.22 -16.78 -18.81
CA ASP A 76 5.00 -17.61 -18.79
C ASP A 76 4.70 -18.18 -17.40
N ASP A 77 5.75 -18.30 -16.55
CA ASP A 77 5.65 -18.74 -15.17
C ASP A 77 6.73 -18.13 -14.29
N LEU A 78 6.47 -16.97 -13.70
CA LEU A 78 7.48 -16.29 -12.87
C LEU A 78 7.56 -16.76 -11.43
N VAL A 79 6.43 -17.02 -10.75
CA VAL A 79 6.48 -17.50 -9.36
C VAL A 79 7.27 -18.80 -9.32
N GLY A 80 7.03 -19.62 -10.33
CA GLY A 80 7.72 -20.89 -10.51
C GLY A 80 9.18 -20.60 -10.88
N GLY A 81 9.38 -19.70 -11.85
CA GLY A 81 10.74 -19.37 -12.27
C GLY A 81 11.66 -18.77 -11.23
N MET A 82 11.15 -18.03 -10.26
CA MET A 82 11.95 -17.34 -9.26
C MET A 82 11.84 -17.93 -7.87
N SER A 83 11.36 -19.15 -7.78
CA SER A 83 11.20 -19.83 -6.50
C SER A 83 12.42 -19.70 -5.60
N ALA A 84 13.61 -20.14 -6.07
CA ALA A 84 14.83 -20.06 -5.30
C ALA A 84 15.18 -18.68 -4.78
N LEU A 85 14.96 -17.64 -5.57
CA LEU A 85 15.15 -16.24 -5.20
C LEU A 85 14.11 -15.83 -4.15
N SER A 86 12.94 -16.45 -4.12
CA SER A 86 11.91 -16.13 -3.13
C SER A 86 12.31 -16.57 -1.70
N ASP A 87 12.89 -17.76 -1.60
CA ASP A 87 13.38 -18.37 -0.39
C ASP A 87 14.48 -17.52 0.26
N LEU A 88 15.48 -17.24 -0.60
CA LEU A 88 16.62 -16.43 -0.20
C LEU A 88 16.21 -15.13 0.48
N HIS A 89 15.37 -14.36 -0.22
CA HIS A 89 14.93 -13.07 0.26
C HIS A 89 13.92 -13.29 1.36
N ALA A 90 13.17 -14.41 1.30
CA ALA A 90 12.18 -14.65 2.36
C ALA A 90 12.85 -15.05 3.67
N PHE A 91 13.65 -16.11 3.70
CA PHE A 91 14.29 -16.57 4.91
C PHE A 91 15.75 -16.27 5.10
N LYS A 92 16.59 -16.28 4.10
CA LYS A 92 18.02 -16.00 4.35
C LYS A 92 18.18 -14.54 4.74
N LEU A 93 17.75 -13.61 3.91
CA LEU A 93 17.80 -12.19 4.12
C LEU A 93 16.56 -11.59 4.78
N ARG A 94 15.40 -12.20 4.73
CA ARG A 94 14.16 -11.67 5.26
C ARG A 94 14.05 -10.16 4.99
N VAL A 95 13.77 -9.82 3.70
CA VAL A 95 13.65 -8.44 3.29
C VAL A 95 12.18 -8.06 3.46
N ASP A 96 12.01 -6.90 4.08
CA ASP A 96 10.60 -6.43 4.20
C ASP A 96 10.19 -6.25 2.73
N PRO A 97 9.13 -6.96 2.34
CA PRO A 97 8.62 -6.94 0.99
C PRO A 97 8.10 -5.60 0.52
N GLY A 98 8.04 -4.52 1.30
CA GLY A 98 7.61 -3.21 0.84
C GLY A 98 8.72 -2.44 0.12
N ASN A 99 9.91 -3.04 0.14
CA ASN A 99 11.11 -2.54 -0.44
C ASN A 99 11.19 -2.97 -1.89
N PHE A 100 10.34 -3.92 -2.25
CA PHE A 100 10.32 -4.38 -3.65
C PHE A 100 9.76 -3.30 -4.56
N LYS A 101 8.84 -2.47 -4.11
CA LYS A 101 8.22 -1.39 -4.81
C LYS A 101 9.18 -0.20 -4.96
N ILE A 102 10.04 -0.10 -3.94
CA ILE A 102 11.04 0.98 -3.93
C ILE A 102 12.09 0.75 -5.02
N LEU A 103 12.64 -0.45 -5.09
CA LEU A 103 13.63 -0.81 -6.09
C LEU A 103 13.00 -0.61 -7.48
N SER A 104 11.84 -1.19 -7.69
CA SER A 104 11.03 -1.11 -8.89
C SER A 104 10.78 0.34 -9.33
N HIS A 105 10.46 1.27 -8.46
CA HIS A 105 10.29 2.66 -8.83
C HIS A 105 11.63 3.24 -9.33
N ASN A 106 12.72 2.87 -8.65
CA ASN A 106 14.01 3.43 -9.06
C ASN A 106 14.48 2.90 -10.40
N ILE A 107 14.10 1.71 -10.79
CA ILE A 107 14.50 1.14 -12.10
C ILE A 107 13.70 1.92 -13.15
N LEU A 108 12.44 2.26 -12.85
CA LEU A 108 11.65 3.05 -13.79
C LEU A 108 12.21 4.46 -13.92
N VAL A 109 12.74 5.03 -12.82
CA VAL A 109 13.30 6.37 -12.86
C VAL A 109 14.54 6.36 -13.73
N THR A 110 15.37 5.35 -13.75
CA THR A 110 16.60 5.19 -14.54
C THR A 110 16.45 4.86 -16.00
N LEU A 111 15.36 4.21 -16.36
CA LEU A 111 14.99 3.86 -17.73
C LEU A 111 14.58 5.17 -18.44
N ALA A 112 13.78 5.96 -17.74
CA ALA A 112 13.34 7.25 -18.24
C ALA A 112 14.59 8.13 -18.42
N ILE A 113 15.46 8.20 -17.39
CA ILE A 113 16.67 9.02 -17.56
C ILE A 113 17.39 8.52 -18.82
N HIS A 114 17.66 7.22 -18.95
CA HIS A 114 18.40 6.76 -20.10
C HIS A 114 17.70 6.60 -21.38
N PHE A 115 16.38 6.39 -21.45
CA PHE A 115 15.66 6.14 -22.71
C PHE A 115 14.35 6.90 -22.68
N PRO A 116 14.40 8.21 -22.61
CA PRO A 116 13.29 9.13 -22.56
C PRO A 116 12.37 9.13 -23.77
N SER A 117 12.88 8.78 -24.95
CA SER A 117 12.11 8.71 -26.16
C SER A 117 11.39 7.37 -26.27
N ASP A 118 12.09 6.30 -25.86
CA ASP A 118 11.57 4.94 -25.90
C ASP A 118 10.64 4.60 -24.77
N PHE A 119 10.89 5.26 -23.62
CA PHE A 119 10.12 5.05 -22.42
C PHE A 119 8.81 5.83 -22.47
N THR A 120 7.97 5.38 -23.37
CA THR A 120 6.65 5.92 -23.68
C THR A 120 5.66 5.44 -22.65
N PRO A 121 4.54 6.10 -22.53
CA PRO A 121 3.47 5.73 -21.62
C PRO A 121 3.09 4.29 -21.86
N GLU A 122 2.93 3.86 -23.10
CA GLU A 122 2.61 2.50 -23.41
C GLU A 122 3.73 1.57 -23.03
N VAL A 123 4.98 2.05 -22.97
CA VAL A 123 6.08 1.12 -22.58
C VAL A 123 6.05 1.04 -21.05
N HIS A 124 5.64 2.11 -20.42
CA HIS A 124 5.49 2.21 -18.98
C HIS A 124 4.46 1.22 -18.45
N ILE A 125 3.25 1.14 -18.99
CA ILE A 125 2.24 0.18 -18.52
C ILE A 125 2.80 -1.25 -18.49
N ALA A 126 3.43 -1.73 -19.55
CA ALA A 126 3.96 -3.07 -19.63
C ALA A 126 5.18 -3.34 -18.77
N VAL A 127 6.09 -2.39 -18.57
CA VAL A 127 7.27 -2.64 -17.72
C VAL A 127 6.86 -2.59 -16.24
N ASP A 128 5.93 -1.67 -15.92
CA ASP A 128 5.39 -1.58 -14.60
C ASP A 128 4.79 -2.97 -14.25
N LYS A 129 3.83 -3.42 -15.05
CA LYS A 129 3.17 -4.70 -14.87
C LYS A 129 4.16 -5.84 -14.70
N PHE A 130 5.22 -5.85 -15.50
CA PHE A 130 6.20 -6.96 -15.41
C PHE A 130 6.99 -6.95 -14.12
N LEU A 131 7.39 -5.75 -13.69
CA LEU A 131 8.16 -5.47 -12.51
C LEU A 131 7.36 -5.79 -11.26
N ALA A 132 6.04 -5.55 -11.33
CA ALA A 132 5.14 -5.86 -10.23
C ALA A 132 4.98 -7.38 -10.07
N ALA A 133 4.97 -8.03 -11.22
CA ALA A 133 4.82 -9.48 -11.36
C ALA A 133 6.08 -10.20 -10.91
N VAL A 134 7.21 -9.50 -11.03
CA VAL A 134 8.50 -10.07 -10.60
C VAL A 134 8.58 -9.93 -9.07
N SER A 135 8.01 -8.85 -8.52
CA SER A 135 7.96 -8.53 -7.12
C SER A 135 6.98 -9.52 -6.46
N ALA A 136 5.87 -9.80 -7.13
CA ALA A 136 4.93 -10.76 -6.55
C ALA A 136 5.46 -12.19 -6.60
N ALA A 137 6.31 -12.58 -7.52
CA ALA A 137 6.87 -13.94 -7.53
C ALA A 137 7.87 -14.10 -6.37
N LEU A 138 8.69 -13.06 -6.20
CA LEU A 138 9.70 -12.97 -5.16
C LEU A 138 9.11 -12.98 -3.76
N ALA A 139 7.91 -12.43 -3.52
CA ALA A 139 7.32 -12.42 -2.19
C ALA A 139 6.47 -13.65 -1.92
N ASP A 140 6.51 -14.65 -2.79
CA ASP A 140 5.71 -15.82 -2.67
C ASP A 140 5.89 -16.75 -1.49
N LYS A 141 7.10 -17.08 -1.07
CA LYS A 141 7.45 -17.97 0.00
C LYS A 141 7.50 -17.39 1.41
N TYR A 142 6.99 -16.20 1.63
CA TYR A 142 7.01 -15.56 2.92
C TYR A 142 6.10 -16.15 3.98
N ARG A 143 4.92 -16.64 3.64
CA ARG A 143 3.99 -17.18 4.61
C ARG A 143 2.96 -18.11 3.98
N VAL B 1 8.46 19.39 8.64
CA VAL B 1 9.91 19.20 8.88
C VAL B 1 10.71 20.49 8.68
N GLU B 2 11.92 20.38 9.21
CA GLU B 2 12.95 21.35 9.15
C GLU B 2 13.44 21.30 7.68
N TRP B 3 13.55 22.48 7.14
CA TRP B 3 14.06 22.48 5.74
C TRP B 3 15.41 23.15 5.82
N THR B 4 16.47 22.56 5.25
CA THR B 4 17.74 23.33 5.34
C THR B 4 17.64 24.36 4.21
N ASP B 5 18.50 25.37 4.26
CA ASP B 5 18.46 26.43 3.21
C ASP B 5 18.98 25.81 1.93
N ALA B 6 19.89 24.84 2.06
CA ALA B 6 20.41 24.14 0.90
C ALA B 6 19.34 23.17 0.38
N GLU B 7 18.45 22.70 1.27
CA GLU B 7 17.40 21.78 0.80
C GLU B 7 16.49 22.53 -0.19
N LYS B 8 15.95 23.59 0.36
CA LYS B 8 15.07 24.54 -0.23
C LYS B 8 15.55 25.22 -1.49
N SER B 9 16.85 25.49 -1.63
CA SER B 9 17.28 26.17 -2.88
C SER B 9 17.30 25.12 -4.00
N THR B 10 17.76 23.94 -3.63
CA THR B 10 17.80 22.78 -4.50
C THR B 10 16.42 22.58 -5.12
N ILE B 11 15.40 22.60 -4.26
CA ILE B 11 14.02 22.46 -4.73
C ILE B 11 13.64 23.60 -5.65
N SER B 12 13.72 24.85 -5.19
CA SER B 12 13.38 25.98 -6.08
C SER B 12 14.16 25.92 -7.39
N ALA B 13 15.43 25.55 -7.36
CA ALA B 13 16.26 25.37 -8.54
C ALA B 13 15.76 24.31 -9.52
N VAL B 14 15.27 23.17 -9.06
CA VAL B 14 14.73 22.08 -9.91
C VAL B 14 13.40 22.53 -10.46
N TRP B 15 12.52 22.99 -9.54
CA TRP B 15 11.23 23.55 -9.99
C TRP B 15 11.45 24.73 -10.95
N GLY B 16 12.53 25.47 -10.75
CA GLY B 16 12.93 26.57 -11.60
C GLY B 16 13.07 26.10 -13.04
N LYS B 17 13.76 25.00 -13.35
CA LYS B 17 13.85 24.58 -14.76
C LYS B 17 12.59 23.88 -15.25
N VAL B 18 11.48 23.93 -14.52
CA VAL B 18 10.24 23.29 -14.83
C VAL B 18 9.15 24.19 -15.41
N ASN B 19 8.65 23.76 -16.59
CA ASN B 19 7.58 24.43 -17.30
C ASN B 19 6.27 23.62 -17.23
N ILE B 20 5.38 24.16 -16.43
CA ILE B 20 4.06 23.60 -16.14
C ILE B 20 3.20 23.32 -17.36
N ASP B 21 3.29 24.19 -18.35
CA ASP B 21 2.54 24.04 -19.60
C ASP B 21 2.96 22.79 -20.33
N GLU B 22 4.14 22.23 -20.04
CA GLU B 22 4.59 21.01 -20.63
C GLU B 22 4.61 19.86 -19.60
N ILE B 23 5.14 20.11 -18.41
CA ILE B 23 5.17 18.97 -17.47
C ILE B 23 3.77 18.59 -17.03
N GLY B 24 2.98 19.51 -16.54
CA GLY B 24 1.62 19.29 -16.11
C GLY B 24 0.89 18.20 -16.85
N PRO B 25 0.62 18.41 -18.14
CA PRO B 25 -0.06 17.48 -19.01
C PRO B 25 0.58 16.11 -19.15
N LEU B 26 1.92 16.07 -19.21
CA LEU B 26 2.69 14.84 -19.34
C LEU B 26 2.38 13.90 -18.16
N ALA B 27 2.43 14.48 -16.96
CA ALA B 27 2.18 13.70 -15.74
C ALA B 27 0.72 13.32 -15.59
N LEU B 28 -0.26 14.23 -15.68
CA LEU B 28 -1.64 13.74 -15.55
C LEU B 28 -1.99 12.72 -16.63
N ALA B 29 -1.49 12.90 -17.84
CA ALA B 29 -1.82 11.96 -18.91
C ALA B 29 -1.17 10.64 -18.66
N ARG B 30 0.10 10.66 -18.21
CA ARG B 30 0.78 9.38 -17.88
C ARG B 30 0.08 8.61 -16.76
N VAL B 31 -0.47 9.28 -15.74
CA VAL B 31 -1.20 8.69 -14.64
C VAL B 31 -2.49 7.99 -15.05
N LEU B 32 -3.36 8.66 -15.83
CA LEU B 32 -4.60 8.06 -16.32
C LEU B 32 -4.32 6.86 -17.24
N ILE B 33 -3.17 6.81 -17.88
CA ILE B 33 -2.78 5.71 -18.74
C ILE B 33 -2.12 4.59 -17.96
N VAL B 34 -1.14 4.82 -17.09
CA VAL B 34 -0.49 3.72 -16.35
C VAL B 34 -1.38 3.16 -15.26
N TYR B 35 -2.23 3.95 -14.56
CA TYR B 35 -3.15 3.53 -13.51
C TYR B 35 -4.53 4.02 -13.92
N PRO B 36 -5.09 3.28 -14.86
CA PRO B 36 -6.36 3.56 -15.48
C PRO B 36 -7.55 3.71 -14.60
N TRP B 37 -7.56 3.28 -13.33
CA TRP B 37 -8.72 3.41 -12.45
C TRP B 37 -8.90 4.83 -11.93
N THR B 38 -7.90 5.65 -12.19
CA THR B 38 -7.95 7.06 -11.78
C THR B 38 -8.80 7.86 -12.72
N GLN B 39 -8.98 7.33 -13.94
CA GLN B 39 -9.85 8.00 -14.92
C GLN B 39 -11.24 8.25 -14.33
N ARG B 40 -11.81 7.31 -13.60
CA ARG B 40 -13.09 7.40 -12.97
C ARG B 40 -13.29 8.59 -12.05
N TYR B 41 -12.29 9.32 -11.60
CA TYR B 41 -12.48 10.49 -10.74
C TYR B 41 -12.81 11.74 -11.54
N PHE B 42 -12.34 11.76 -12.79
CA PHE B 42 -12.49 12.79 -13.77
C PHE B 42 -13.57 12.49 -14.82
N GLY B 43 -14.84 12.72 -14.50
CA GLY B 43 -15.94 12.43 -15.41
C GLY B 43 -16.15 13.24 -16.67
N SER B 44 -16.02 14.56 -16.55
CA SER B 44 -16.19 15.51 -17.63
C SER B 44 -15.03 15.75 -18.57
N PHE B 45 -14.02 14.90 -18.65
CA PHE B 45 -12.85 15.14 -19.45
C PHE B 45 -12.81 14.85 -20.92
N GLY B 46 -13.75 14.09 -21.48
CA GLY B 46 -13.76 13.77 -22.88
C GLY B 46 -13.32 12.39 -23.32
N ASN B 47 -12.63 12.39 -24.49
CA ASN B 47 -12.16 11.17 -25.10
C ASN B 47 -10.83 10.71 -24.49
N VAL B 48 -11.06 9.86 -23.48
CA VAL B 48 -9.92 9.25 -22.75
C VAL B 48 -9.81 7.81 -23.20
N SER B 49 -10.55 7.48 -24.26
CA SER B 49 -10.67 6.23 -24.95
C SER B 49 -9.40 5.50 -25.37
N THR B 50 -8.34 6.20 -25.71
CA THR B 50 -7.05 5.64 -26.09
C THR B 50 -6.00 6.53 -25.42
N PRO B 51 -4.77 6.12 -25.43
CA PRO B 51 -3.62 6.84 -24.89
C PRO B 51 -3.36 8.09 -25.71
N ALA B 52 -3.54 7.91 -27.01
CA ALA B 52 -3.43 9.01 -27.97
C ALA B 52 -4.50 10.06 -27.67
N ALA B 53 -5.73 9.55 -27.43
CA ALA B 53 -6.88 10.37 -27.07
C ALA B 53 -6.63 11.00 -25.69
N ILE B 54 -5.94 10.30 -24.80
CA ILE B 54 -5.65 10.86 -23.46
C ILE B 54 -4.61 11.97 -23.61
N MET B 55 -3.52 11.59 -24.26
CA MET B 55 -2.36 12.39 -24.55
C MET B 55 -2.64 13.71 -25.27
N GLY B 56 -3.64 13.72 -26.17
CA GLY B 56 -3.95 14.98 -26.84
C GLY B 56 -5.20 15.64 -26.28
N ASN B 57 -5.68 15.23 -25.10
CA ASN B 57 -6.92 15.87 -24.58
C ASN B 57 -6.57 17.17 -23.88
N PRO B 58 -7.31 18.21 -24.24
CA PRO B 58 -7.17 19.56 -23.73
C PRO B 58 -7.78 19.84 -22.36
N LYS B 59 -8.64 18.92 -21.90
CA LYS B 59 -9.24 19.16 -20.54
C LYS B 59 -8.27 18.55 -19.52
N VAL B 60 -7.61 17.47 -20.00
CA VAL B 60 -6.57 16.75 -19.32
C VAL B 60 -5.37 17.72 -19.14
N ALA B 61 -5.04 18.34 -20.29
CA ALA B 61 -3.96 19.32 -20.28
C ALA B 61 -4.24 20.44 -19.28
N ALA B 62 -5.44 20.98 -19.29
CA ALA B 62 -5.83 22.09 -18.42
C ALA B 62 -5.68 21.76 -16.96
N HIS B 63 -6.17 20.57 -16.63
CA HIS B 63 -6.08 20.11 -15.21
C HIS B 63 -4.65 19.83 -14.78
N GLY B 64 -3.82 19.31 -15.68
CA GLY B 64 -2.41 19.04 -15.45
C GLY B 64 -1.72 20.33 -14.99
N LYS B 65 -2.08 21.45 -15.63
CA LYS B 65 -1.57 22.78 -15.35
C LYS B 65 -2.13 23.25 -14.00
N VAL B 66 -3.42 23.03 -13.75
CA VAL B 66 -4.02 23.36 -12.44
C VAL B 66 -3.21 22.65 -11.32
N VAL B 67 -3.02 21.32 -11.49
CA VAL B 67 -2.24 20.55 -10.54
C VAL B 67 -0.85 21.09 -10.31
N CYS B 68 -0.07 21.45 -11.34
CA CYS B 68 1.26 22.02 -11.13
C CYS B 68 1.16 23.42 -10.51
N GLY B 69 0.03 24.09 -10.65
CA GLY B 69 -0.14 25.39 -9.98
C GLY B 69 -0.15 25.20 -8.46
N ALA B 70 -0.88 24.19 -7.96
CA ALA B 70 -0.91 23.93 -6.51
C ALA B 70 0.48 23.58 -5.98
N LEU B 71 1.29 22.81 -6.68
CA LEU B 71 2.67 22.45 -6.30
C LEU B 71 3.62 23.66 -6.23
N ASP B 72 3.31 24.66 -7.11
CA ASP B 72 4.00 25.89 -7.19
C ASP B 72 3.97 26.60 -5.84
N LYS B 73 2.78 26.72 -5.22
CA LYS B 73 2.67 27.38 -3.92
C LYS B 73 3.32 26.57 -2.80
N ALA B 74 3.50 25.27 -2.98
CA ALA B 74 4.16 24.44 -1.98
C ALA B 74 5.63 24.92 -1.96
N VAL B 75 6.25 24.91 -3.16
CA VAL B 75 7.61 25.37 -3.35
C VAL B 75 7.74 26.77 -2.76
N LYS B 76 6.79 27.64 -3.13
CA LYS B 76 6.81 29.01 -2.62
C LYS B 76 6.62 29.08 -1.10
N ASN B 77 5.88 28.17 -0.49
CA ASN B 77 5.58 28.13 0.92
C ASN B 77 6.11 26.92 1.65
N MET B 78 7.23 26.29 1.33
CA MET B 78 7.66 25.08 2.02
C MET B 78 7.44 24.97 3.51
N GLY B 79 7.14 26.00 4.29
CA GLY B 79 6.87 26.00 5.67
C GLY B 79 5.41 25.93 6.08
N ASN B 80 4.48 26.04 5.12
CA ASN B 80 3.06 25.97 5.48
C ASN B 80 2.27 25.09 4.54
N ILE B 81 2.94 24.08 3.97
CA ILE B 81 2.21 23.21 3.04
C ILE B 81 1.01 22.62 3.73
N LEU B 82 1.16 22.22 5.01
CA LEU B 82 -0.06 21.68 5.69
C LEU B 82 -1.10 22.78 5.75
N ALA B 83 -0.69 23.93 6.30
CA ALA B 83 -1.61 25.07 6.37
C ALA B 83 -2.29 25.30 5.03
N THR B 84 -1.45 25.56 4.03
CA THR B 84 -1.73 25.80 2.65
C THR B 84 -2.63 24.74 2.03
N TYR B 85 -2.47 23.45 2.36
CA TYR B 85 -3.29 22.41 1.71
C TYR B 85 -4.46 21.84 2.49
N LYS B 86 -5.15 22.60 3.34
CA LYS B 86 -6.27 22.04 4.08
C LYS B 86 -7.56 21.79 3.36
N SER B 87 -8.03 22.68 2.52
CA SER B 87 -9.32 22.46 1.84
C SER B 87 -9.19 21.63 0.58
N LEU B 88 -7.90 21.57 0.13
CA LEU B 88 -7.56 20.76 -1.04
C LEU B 88 -7.74 19.31 -0.53
N SER B 89 -7.25 19.13 0.73
CA SER B 89 -7.34 17.82 1.35
C SER B 89 -8.79 17.47 1.65
N GLU B 90 -9.58 18.49 1.97
CA GLU B 90 -10.99 18.34 2.27
C GLU B 90 -11.85 18.10 1.03
N THR B 91 -11.47 18.74 -0.08
CA THR B 91 -12.34 18.47 -1.28
C THR B 91 -12.07 17.06 -1.76
N HIS B 92 -10.81 16.69 -1.85
CA HIS B 92 -10.40 15.37 -2.27
C HIS B 92 -10.89 14.27 -1.34
N ALA B 93 -10.98 14.56 -0.03
CA ALA B 93 -11.46 13.59 0.93
C ALA B 93 -12.99 13.52 0.89
N ASN B 94 -13.67 14.59 1.17
CA ASN B 94 -15.11 14.68 1.25
C ASN B 94 -15.97 14.99 0.06
N LYS B 95 -15.36 15.61 -0.93
CA LYS B 95 -16.14 15.99 -2.11
C LYS B 95 -15.97 14.95 -3.21
N LEU B 96 -14.72 14.53 -3.43
CA LEU B 96 -14.39 13.60 -4.47
C LEU B 96 -14.09 12.21 -3.97
N PHE B 97 -13.89 12.06 -2.67
CA PHE B 97 -13.63 10.72 -2.12
C PHE B 97 -12.54 9.94 -2.84
N VAL B 98 -11.42 10.62 -3.07
CA VAL B 98 -10.27 10.04 -3.79
C VAL B 98 -9.48 9.10 -2.92
N ASP B 99 -9.30 7.84 -3.34
CA ASP B 99 -8.51 6.95 -2.43
C ASP B 99 -7.15 7.63 -2.35
N PRO B 100 -6.68 7.85 -1.12
CA PRO B 100 -5.45 8.56 -0.85
C PRO B 100 -4.19 7.88 -1.30
N ASP B 101 -4.27 6.65 -1.83
CA ASP B 101 -3.18 5.87 -2.32
C ASP B 101 -2.67 6.43 -3.67
N ASN B 102 -3.62 7.12 -4.33
CA ASN B 102 -3.43 7.73 -5.61
C ASN B 102 -2.61 9.01 -5.49
N PHE B 103 -2.40 9.59 -4.31
CA PHE B 103 -1.57 10.80 -4.25
C PHE B 103 -0.12 10.36 -4.51
N ARG B 104 0.19 9.21 -3.96
CA ARG B 104 1.46 8.51 -4.02
C ARG B 104 1.83 8.11 -5.44
N VAL B 105 0.85 7.59 -6.16
CA VAL B 105 0.95 7.16 -7.57
C VAL B 105 1.23 8.35 -8.48
N LEU B 106 0.64 9.53 -8.18
CA LEU B 106 0.84 10.76 -8.90
C LEU B 106 2.26 11.29 -8.67
N ALA B 107 2.67 11.41 -7.41
CA ALA B 107 4.02 11.87 -7.06
C ALA B 107 5.11 11.07 -7.76
N ASP B 108 4.98 9.77 -7.85
CA ASP B 108 5.99 8.90 -8.49
C ASP B 108 6.04 9.09 -9.98
N VAL B 109 4.88 9.39 -10.59
CA VAL B 109 4.77 9.63 -12.03
C VAL B 109 5.30 11.00 -12.38
N LEU B 110 5.08 12.03 -11.58
CA LEU B 110 5.65 13.37 -11.82
C LEU B 110 7.18 13.28 -11.85
N THR B 111 7.77 12.48 -10.96
CA THR B 111 9.16 12.20 -10.80
C THR B 111 9.72 11.48 -12.01
N ILE B 112 9.05 10.44 -12.48
CA ILE B 112 9.55 9.80 -13.73
C ILE B 112 9.54 10.85 -14.85
N VAL B 113 8.47 11.65 -14.95
CA VAL B 113 8.38 12.70 -15.98
C VAL B 113 9.47 13.75 -15.77
N ILE B 114 9.65 14.30 -14.58
CA ILE B 114 10.81 15.23 -14.45
C ILE B 114 12.13 14.58 -14.79
N ALA B 115 12.36 13.33 -14.41
CA ALA B 115 13.56 12.57 -14.65
C ALA B 115 13.90 12.51 -16.13
N ALA B 116 12.82 12.16 -16.85
CA ALA B 116 12.93 12.04 -18.31
C ALA B 116 13.36 13.39 -18.90
N LYS B 117 12.82 14.49 -18.39
CA LYS B 117 13.19 15.79 -18.88
C LYS B 117 14.60 16.24 -18.53
N PHE B 118 15.07 16.23 -17.29
CA PHE B 118 16.39 16.66 -16.87
C PHE B 118 17.53 15.69 -17.15
N GLY B 119 17.23 14.47 -17.53
CA GLY B 119 18.33 13.52 -17.82
C GLY B 119 19.24 13.39 -16.61
N ALA B 120 20.51 13.15 -16.88
CA ALA B 120 21.57 12.95 -15.92
C ALA B 120 21.85 14.08 -14.95
N SER B 121 21.20 15.21 -15.04
CA SER B 121 21.34 16.33 -14.11
C SER B 121 20.32 16.11 -12.98
N PHE B 122 19.51 15.06 -13.15
CA PHE B 122 18.56 14.66 -12.10
C PHE B 122 19.28 13.51 -11.37
N THR B 123 20.09 13.95 -10.42
CA THR B 123 20.96 13.07 -9.64
C THR B 123 20.33 12.56 -8.35
N PRO B 124 20.87 11.44 -7.86
CA PRO B 124 20.46 10.75 -6.63
C PRO B 124 20.27 11.69 -5.48
N GLU B 125 21.12 12.66 -5.28
CA GLU B 125 21.06 13.67 -4.26
C GLU B 125 19.98 14.74 -4.44
N ILE B 126 19.62 14.94 -5.70
CA ILE B 126 18.56 15.92 -6.05
C ILE B 126 17.26 15.11 -5.91
N GLN B 127 17.40 13.87 -6.46
CA GLN B 127 16.31 12.92 -6.34
C GLN B 127 15.97 12.79 -4.85
N ALA B 128 16.99 12.53 -4.03
CA ALA B 128 16.83 12.41 -2.59
C ALA B 128 16.07 13.58 -1.99
N THR B 129 16.36 14.84 -2.37
CA THR B 129 15.56 15.92 -1.71
C THR B 129 14.25 16.14 -2.44
N TRP B 130 14.18 15.78 -3.73
CA TRP B 130 12.90 15.87 -4.48
C TRP B 130 11.90 14.93 -3.79
N GLN B 131 12.37 13.72 -3.44
CA GLN B 131 11.62 12.73 -2.68
C GLN B 131 11.12 13.28 -1.35
N LYS B 132 12.02 13.84 -0.52
CA LYS B 132 11.63 14.43 0.77
C LYS B 132 10.46 15.39 0.56
N PHE B 133 10.66 16.25 -0.46
CA PHE B 133 9.61 17.20 -0.80
C PHE B 133 8.36 16.48 -1.27
N MET B 134 8.45 15.46 -2.13
CA MET B 134 7.27 14.76 -2.63
C MET B 134 6.49 14.10 -1.49
N LYS B 135 7.16 13.55 -0.47
CA LYS B 135 6.40 12.93 0.64
C LYS B 135 5.86 13.97 1.61
N VAL B 136 6.39 15.18 1.56
CA VAL B 136 5.85 16.25 2.44
C VAL B 136 4.52 16.76 1.84
N VAL B 137 4.45 16.70 0.51
CA VAL B 137 3.32 17.07 -0.33
C VAL B 137 2.20 16.05 -0.18
N VAL B 138 2.56 14.79 -0.34
CA VAL B 138 1.67 13.63 -0.23
C VAL B 138 1.00 13.58 1.14
N ALA B 139 1.77 13.91 2.19
CA ALA B 139 1.28 13.93 3.55
C ALA B 139 0.25 15.04 3.69
N ALA B 140 0.58 16.22 3.15
CA ALA B 140 -0.37 17.34 3.23
C ALA B 140 -1.68 17.01 2.53
N MET B 141 -1.64 16.25 1.44
CA MET B 141 -2.84 15.85 0.70
C MET B 141 -3.75 14.91 1.49
N GLY B 142 -3.19 13.95 2.24
CA GLY B 142 -3.98 13.03 3.06
C GLY B 142 -4.25 13.48 4.48
N SER B 143 -4.00 14.74 4.84
CA SER B 143 -4.19 15.32 6.14
C SER B 143 -5.63 15.52 6.58
N ARG B 144 -6.61 15.68 5.71
CA ARG B 144 -7.99 15.87 6.20
C ARG B 144 -8.86 14.64 5.94
N TYR B 145 -8.18 13.52 5.83
CA TYR B 145 -8.68 12.17 5.58
C TYR B 145 -9.00 11.46 6.88
N PHE B 146 -10.24 11.63 7.38
CA PHE B 146 -10.67 11.04 8.63
C PHE B 146 -12.02 10.34 8.74
N SER C 2 -0.53 -17.41 -2.90
CA SER C 2 0.11 -18.59 -3.37
C SER C 2 -0.12 -19.62 -2.22
N LEU C 3 -1.37 -20.08 -2.30
CA LEU C 3 -1.98 -20.99 -1.37
C LEU C 3 -1.40 -22.39 -1.50
N THR C 4 -0.93 -22.91 -0.37
CA THR C 4 -0.38 -24.24 -0.34
C THR C 4 -1.51 -25.25 -0.08
N ALA C 5 -1.06 -26.52 -0.07
CA ALA C 5 -1.97 -27.61 0.24
C ALA C 5 -2.53 -27.42 1.65
N LYS C 6 -1.62 -27.06 2.58
CA LYS C 6 -2.10 -26.79 3.94
C LYS C 6 -3.02 -25.59 3.98
N ASP C 7 -2.75 -24.50 3.26
CA ASP C 7 -3.68 -23.36 3.27
C ASP C 7 -5.08 -23.76 2.80
N LYS C 8 -5.13 -24.60 1.77
CA LYS C 8 -6.35 -25.12 1.16
C LYS C 8 -7.16 -26.01 2.09
N SER C 9 -6.54 -26.87 2.89
CA SER C 9 -7.24 -27.71 3.84
C SER C 9 -7.94 -26.94 4.93
N VAL C 10 -7.21 -25.98 5.49
CA VAL C 10 -7.74 -25.14 6.57
C VAL C 10 -8.87 -24.27 6.07
N VAL C 11 -8.77 -23.73 4.85
CA VAL C 11 -9.86 -22.87 4.36
C VAL C 11 -11.11 -23.71 4.12
N LYS C 12 -10.96 -24.83 3.42
CA LYS C 12 -12.10 -25.69 3.19
C LYS C 12 -12.79 -26.13 4.48
N ALA C 13 -12.05 -26.48 5.54
CA ALA C 13 -12.62 -26.92 6.82
C ALA C 13 -13.27 -25.79 7.59
N PHE C 14 -12.56 -24.65 7.65
CA PHE C 14 -13.07 -23.47 8.36
C PHE C 14 -14.33 -22.97 7.67
N TRP C 15 -14.23 -23.08 6.33
CA TRP C 15 -15.34 -22.70 5.48
C TRP C 15 -16.60 -23.51 5.79
N GLY C 16 -16.45 -24.80 6.09
CA GLY C 16 -17.53 -25.71 6.45
C GLY C 16 -18.24 -25.34 7.75
N LYS C 17 -17.48 -24.92 8.80
CA LYS C 17 -18.21 -24.50 9.99
C LYS C 17 -18.88 -23.12 9.77
N ILE C 18 -18.29 -22.23 8.97
CA ILE C 18 -18.90 -20.90 8.81
C ILE C 18 -20.01 -20.91 7.77
N SER C 19 -19.98 -21.83 6.82
CA SER C 19 -20.99 -21.95 5.77
C SER C 19 -22.39 -21.51 6.19
N GLY C 20 -23.00 -22.18 7.16
CA GLY C 20 -24.32 -21.91 7.65
C GLY C 20 -24.66 -20.47 7.96
N LYS C 21 -23.75 -19.73 8.63
CA LYS C 21 -24.05 -18.33 8.90
C LYS C 21 -23.59 -17.42 7.76
N ALA C 22 -23.11 -17.83 6.62
CA ALA C 22 -22.65 -16.97 5.52
C ALA C 22 -23.51 -15.78 5.18
N ASP C 23 -24.83 -15.84 5.17
CA ASP C 23 -25.64 -14.64 4.96
C ASP C 23 -25.41 -13.56 6.01
N VAL C 24 -25.39 -13.94 7.27
CA VAL C 24 -25.17 -13.12 8.45
C VAL C 24 -23.79 -12.48 8.42
N VAL C 25 -22.78 -13.31 8.12
CA VAL C 25 -21.41 -12.80 7.98
C VAL C 25 -21.33 -11.70 6.88
N GLY C 26 -21.82 -11.95 5.66
CA GLY C 26 -21.85 -11.11 4.52
C GLY C 26 -22.47 -9.75 4.71
N ALA C 27 -23.76 -9.79 5.10
CA ALA C 27 -24.55 -8.60 5.40
C ALA C 27 -23.88 -7.72 6.44
N GLU C 28 -23.34 -8.32 7.52
CA GLU C 28 -22.70 -7.56 8.57
C GLU C 28 -21.34 -7.01 8.10
N ALA C 29 -20.62 -7.80 7.30
CA ALA C 29 -19.30 -7.38 6.82
C ALA C 29 -19.41 -6.15 5.89
N LEU C 30 -20.42 -6.15 5.02
CA LEU C 30 -20.68 -5.02 4.11
C LEU C 30 -21.11 -3.79 4.89
N GLY C 31 -22.11 -3.85 5.76
CA GLY C 31 -22.63 -2.80 6.59
C GLY C 31 -21.54 -2.10 7.39
N ARG C 32 -20.53 -2.82 7.88
CA ARG C 32 -19.39 -2.31 8.58
C ARG C 32 -18.42 -1.56 7.63
N MET C 33 -18.27 -2.06 6.38
CA MET C 33 -17.39 -1.40 5.40
C MET C 33 -17.91 0.01 5.12
N LEU C 34 -19.20 0.09 4.78
CA LEU C 34 -19.89 1.34 4.52
C LEU C 34 -19.93 2.25 5.72
N THR C 35 -20.10 1.65 6.89
CA THR C 35 -20.20 2.40 8.13
C THR C 35 -18.86 2.91 8.61
N ALA C 36 -17.75 2.16 8.60
CA ALA C 36 -16.47 2.66 9.11
C ALA C 36 -15.51 3.17 8.05
N TYR C 37 -15.81 2.88 6.78
CA TYR C 37 -14.99 3.28 5.62
C TYR C 37 -15.94 3.89 4.59
N PRO C 38 -16.34 5.12 4.79
CA PRO C 38 -17.33 5.86 4.04
C PRO C 38 -17.03 6.30 2.64
N GLN C 39 -15.78 6.14 2.21
CA GLN C 39 -15.39 6.47 0.85
C GLN C 39 -15.99 5.44 -0.10
N THR C 40 -16.36 4.29 0.43
CA THR C 40 -16.91 3.16 -0.30
C THR C 40 -18.39 3.41 -0.59
N LYS C 41 -18.97 4.36 0.14
CA LYS C 41 -20.38 4.65 -0.08
C LYS C 41 -20.76 5.16 -1.45
N THR C 42 -19.89 5.79 -2.25
CA THR C 42 -20.18 6.29 -3.56
C THR C 42 -20.59 5.21 -4.57
N TYR C 43 -20.13 3.98 -4.34
CA TYR C 43 -20.43 2.90 -5.27
C TYR C 43 -21.83 2.33 -5.10
N PHE C 44 -22.50 2.61 -4.01
CA PHE C 44 -23.81 2.02 -3.71
C PHE C 44 -24.89 3.05 -3.56
N SER C 45 -24.74 4.18 -4.25
CA SER C 45 -25.63 5.33 -4.27
C SER C 45 -27.00 5.10 -4.93
N HIS C 46 -27.17 4.03 -5.68
CA HIS C 46 -28.41 3.71 -6.33
C HIS C 46 -29.30 2.88 -5.40
N TRP C 47 -28.84 2.71 -4.16
CA TRP C 47 -29.57 1.92 -3.20
C TRP C 47 -30.42 2.86 -2.35
N ALA C 48 -31.53 2.27 -1.87
CA ALA C 48 -32.42 3.05 -1.00
C ALA C 48 -31.86 3.26 0.40
N ASP C 49 -31.18 2.28 1.02
CA ASP C 49 -30.62 2.44 2.35
C ASP C 49 -29.20 1.87 2.44
N LEU C 50 -28.27 2.54 3.13
CA LEU C 50 -26.92 1.90 3.16
C LEU C 50 -26.51 1.66 4.62
N SER C 51 -27.56 1.75 5.46
CA SER C 51 -27.42 1.55 6.91
C SER C 51 -27.36 0.05 7.20
N PRO C 52 -26.50 -0.31 8.15
CA PRO C 52 -26.29 -1.69 8.59
C PRO C 52 -27.64 -2.33 8.89
N GLY C 53 -27.80 -3.53 8.33
CA GLY C 53 -29.03 -4.26 8.48
C GLY C 53 -30.10 -3.79 7.52
N SER C 54 -29.82 -2.90 6.57
CA SER C 54 -30.87 -2.50 5.61
C SER C 54 -31.07 -3.68 4.64
N GLY C 55 -32.24 -3.69 4.00
CA GLY C 55 -32.72 -4.65 3.06
C GLY C 55 -31.79 -4.90 1.90
N PRO C 56 -31.30 -3.84 1.28
CA PRO C 56 -30.35 -3.89 0.16
C PRO C 56 -28.97 -4.32 0.66
N VAL C 57 -28.69 -3.87 1.92
CA VAL C 57 -27.39 -4.26 2.52
C VAL C 57 -27.48 -5.76 2.80
N LYS C 58 -28.52 -6.17 3.54
CA LYS C 58 -28.72 -7.60 3.74
C LYS C 58 -28.55 -8.46 2.50
N LYS C 59 -29.41 -8.23 1.50
CA LYS C 59 -29.41 -8.98 0.25
C LYS C 59 -28.09 -8.95 -0.49
N HIS C 60 -27.42 -7.78 -0.57
CA HIS C 60 -26.16 -7.82 -1.34
C HIS C 60 -25.15 -8.59 -0.52
N GLY C 61 -25.18 -8.55 0.81
CA GLY C 61 -24.23 -9.31 1.63
C GLY C 61 -24.20 -10.80 1.36
N GLY C 62 -25.37 -11.44 1.21
CA GLY C 62 -25.41 -12.86 0.87
C GLY C 62 -24.78 -13.14 -0.50
N ILE C 63 -24.92 -12.20 -1.44
CA ILE C 63 -24.41 -12.31 -2.82
C ILE C 63 -22.89 -12.44 -2.80
N ILE C 64 -22.27 -11.51 -2.10
CA ILE C 64 -20.82 -11.48 -1.89
C ILE C 64 -20.34 -12.78 -1.24
N MET C 65 -21.04 -13.25 -0.19
CA MET C 65 -20.60 -14.49 0.49
C MET C 65 -20.78 -15.68 -0.41
N GLY C 66 -21.86 -15.71 -1.20
CA GLY C 66 -21.98 -16.86 -2.12
C GLY C 66 -20.80 -16.91 -3.10
N ALA C 67 -20.38 -15.73 -3.60
CA ALA C 67 -19.26 -15.68 -4.56
C ALA C 67 -17.94 -16.16 -3.97
N ILE C 68 -17.75 -15.83 -2.67
CA ILE C 68 -16.57 -16.27 -1.93
C ILE C 68 -16.66 -17.79 -1.79
N GLY C 69 -17.89 -18.28 -1.49
CA GLY C 69 -18.14 -19.71 -1.38
C GLY C 69 -17.74 -20.44 -2.65
N LYS C 70 -18.23 -19.95 -3.78
CA LYS C 70 -17.84 -20.55 -5.07
C LYS C 70 -16.36 -20.39 -5.31
N ALA C 71 -15.65 -19.41 -4.78
CA ALA C 71 -14.20 -19.27 -5.00
C ALA C 71 -13.41 -20.38 -4.31
N VAL C 72 -14.01 -20.84 -3.19
CA VAL C 72 -13.50 -21.90 -2.33
C VAL C 72 -13.19 -23.16 -3.13
N GLY C 73 -14.12 -23.48 -4.05
CA GLY C 73 -13.98 -24.66 -4.90
C GLY C 73 -13.17 -24.45 -6.16
N LEU C 74 -12.76 -23.20 -6.39
CA LEU C 74 -11.98 -22.79 -7.55
C LEU C 74 -10.58 -22.39 -7.14
N MET C 75 -10.16 -22.75 -5.93
CA MET C 75 -8.88 -22.43 -5.37
C MET C 75 -7.66 -22.75 -6.19
N ASP C 76 -7.73 -23.70 -7.10
CA ASP C 76 -6.59 -24.02 -7.95
C ASP C 76 -6.36 -23.03 -9.09
N ASP C 77 -7.39 -22.30 -9.53
CA ASP C 77 -7.32 -21.29 -10.57
C ASP C 77 -8.35 -20.14 -10.34
N LEU C 78 -7.93 -19.24 -9.47
CA LEU C 78 -8.76 -18.13 -9.10
C LEU C 78 -8.74 -17.03 -10.15
N VAL C 79 -7.58 -16.77 -10.80
CA VAL C 79 -7.74 -15.68 -11.83
C VAL C 79 -8.66 -16.21 -12.93
N GLY C 80 -8.47 -17.45 -13.39
CA GLY C 80 -9.33 -18.02 -14.41
C GLY C 80 -10.80 -18.02 -13.97
N GLY C 81 -11.07 -18.54 -12.77
CA GLY C 81 -12.37 -18.65 -12.20
C GLY C 81 -13.13 -17.39 -11.97
N MET C 82 -12.44 -16.30 -11.65
CA MET C 82 -13.04 -14.99 -11.38
C MET C 82 -12.94 -13.94 -12.49
N SER C 83 -12.59 -14.35 -13.71
CA SER C 83 -12.43 -13.45 -14.84
C SER C 83 -13.59 -12.50 -15.10
N ALA C 84 -14.79 -13.10 -15.23
CA ALA C 84 -15.98 -12.27 -15.49
C ALA C 84 -16.23 -11.23 -14.40
N LEU C 85 -16.01 -11.60 -13.15
CA LEU C 85 -16.23 -10.62 -12.08
C LEU C 85 -15.17 -9.53 -12.06
N SER C 86 -13.95 -9.79 -12.56
CA SER C 86 -12.88 -8.80 -12.65
C SER C 86 -13.19 -7.68 -13.66
N ASP C 87 -13.84 -8.07 -14.78
CA ASP C 87 -14.28 -7.17 -15.81
C ASP C 87 -15.40 -6.25 -15.35
N LEU C 88 -16.34 -6.90 -14.62
CA LEU C 88 -17.53 -6.20 -14.13
C LEU C 88 -17.13 -5.06 -13.22
N HIS C 89 -16.19 -5.46 -12.34
CA HIS C 89 -15.66 -4.49 -11.36
C HIS C 89 -14.66 -3.58 -12.07
N ALA C 90 -13.83 -4.03 -12.99
CA ALA C 90 -12.89 -3.11 -13.66
C ALA C 90 -13.53 -2.09 -14.58
N PHE C 91 -14.35 -2.57 -15.53
CA PHE C 91 -14.99 -1.73 -16.52
C PHE C 91 -16.41 -1.30 -16.25
N LYS C 92 -17.34 -2.21 -15.93
CA LYS C 92 -18.71 -1.78 -15.70
C LYS C 92 -18.82 -0.93 -14.43
N LEU C 93 -18.29 -1.51 -13.33
CA LEU C 93 -18.46 -0.70 -12.10
C LEU C 93 -17.32 0.27 -11.93
N ARG C 94 -16.11 -0.02 -12.37
CA ARG C 94 -15.00 0.91 -12.17
C ARG C 94 -14.68 1.17 -10.69
N VAL C 95 -14.51 0.09 -9.94
CA VAL C 95 -14.18 0.13 -8.51
C VAL C 95 -12.67 0.21 -8.33
N ASP C 96 -12.20 1.30 -7.74
CA ASP C 96 -10.74 1.48 -7.50
C ASP C 96 -10.36 0.23 -6.76
N PRO C 97 -9.29 -0.43 -7.15
CA PRO C 97 -8.85 -1.68 -6.51
C PRO C 97 -8.34 -1.54 -5.09
N GLY C 98 -8.26 -0.38 -4.45
CA GLY C 98 -7.81 -0.19 -3.10
C GLY C 98 -8.88 -0.51 -2.06
N ASN C 99 -10.10 -0.68 -2.52
CA ASN C 99 -11.27 -1.02 -1.78
C ASN C 99 -11.37 -2.53 -1.53
N PHE C 100 -10.66 -3.35 -2.33
CA PHE C 100 -10.70 -4.78 -2.10
C PHE C 100 -10.11 -5.12 -0.72
N LYS C 101 -9.07 -4.47 -0.26
CA LYS C 101 -8.44 -4.67 1.00
C LYS C 101 -9.41 -4.32 2.16
N ILE C 102 -10.11 -3.20 1.98
CA ILE C 102 -11.06 -2.76 2.99
C ILE C 102 -12.15 -3.80 3.23
N LEU C 103 -12.71 -4.37 2.17
CA LEU C 103 -13.73 -5.37 2.22
C LEU C 103 -13.22 -6.62 2.93
N SER C 104 -12.00 -7.03 2.66
CA SER C 104 -11.37 -8.19 3.27
C SER C 104 -11.09 -8.01 4.75
N HIS C 105 -10.70 -6.82 5.20
CA HIS C 105 -10.42 -6.56 6.60
C HIS C 105 -11.69 -6.62 7.44
N ASN C 106 -12.82 -6.15 6.90
CA ASN C 106 -14.09 -6.17 7.58
C ASN C 106 -14.72 -7.58 7.65
N ILE C 107 -14.32 -8.45 6.77
CA ILE C 107 -14.78 -9.84 6.72
C ILE C 107 -14.04 -10.61 7.82
N LEU C 108 -12.75 -10.31 8.00
CA LEU C 108 -11.99 -10.95 9.07
C LEU C 108 -12.50 -10.45 10.45
N VAL C 109 -12.90 -9.20 10.54
CA VAL C 109 -13.42 -8.59 11.77
C VAL C 109 -14.75 -9.23 12.16
N THR C 110 -15.59 -9.53 11.18
CA THR C 110 -16.87 -10.17 11.36
C THR C 110 -16.67 -11.62 11.77
N LEU C 111 -15.63 -12.29 11.34
CA LEU C 111 -15.33 -13.69 11.66
C LEU C 111 -14.83 -13.87 13.09
N ALA C 112 -14.00 -12.93 13.53
CA ALA C 112 -13.47 -12.87 14.86
C ALA C 112 -14.68 -12.64 15.79
N ILE C 113 -15.61 -11.73 15.47
CA ILE C 113 -16.78 -11.49 16.31
C ILE C 113 -17.70 -12.71 16.44
N HIS C 114 -17.89 -13.50 15.38
CA HIS C 114 -18.75 -14.65 15.39
C HIS C 114 -18.11 -15.95 15.77
N PHE C 115 -16.84 -16.23 15.54
CA PHE C 115 -16.13 -17.46 15.84
C PHE C 115 -14.78 -17.20 16.47
N PRO C 116 -14.70 -16.55 17.61
CA PRO C 116 -13.49 -16.16 18.31
C PRO C 116 -12.44 -17.21 18.63
N SER C 117 -12.97 -18.36 19.11
CA SER C 117 -12.16 -19.50 19.49
C SER C 117 -11.60 -20.17 18.24
N ASP C 118 -12.42 -20.17 17.18
CA ASP C 118 -12.03 -20.78 15.91
C ASP C 118 -11.03 -19.94 15.15
N PHE C 119 -11.23 -18.61 15.21
CA PHE C 119 -10.34 -17.68 14.48
C PHE C 119 -9.02 -17.52 15.21
N THR C 120 -8.17 -18.52 15.06
CA THR C 120 -6.86 -18.62 15.60
C THR C 120 -5.92 -17.93 14.62
N PRO C 121 -4.73 -17.66 15.08
CA PRO C 121 -3.67 -17.06 14.28
C PRO C 121 -3.37 -17.96 13.10
N GLU C 122 -3.42 -19.29 13.29
CA GLU C 122 -3.20 -20.20 12.18
C GLU C 122 -4.46 -20.24 11.28
N VAL C 123 -5.65 -19.87 11.75
CA VAL C 123 -6.78 -19.90 10.78
C VAL C 123 -6.73 -18.55 10.04
N HIS C 124 -6.33 -17.50 10.76
CA HIS C 124 -6.20 -16.17 10.22
C HIS C 124 -5.19 -16.09 9.07
N ILE C 125 -4.03 -16.71 9.12
CA ILE C 125 -3.04 -16.71 8.09
C ILE C 125 -3.65 -17.22 6.76
N ALA C 126 -4.24 -18.40 6.81
CA ALA C 126 -4.81 -19.03 5.62
C ALA C 126 -5.98 -18.25 5.04
N VAL C 127 -6.87 -17.77 5.89
CA VAL C 127 -8.03 -16.99 5.40
C VAL C 127 -7.56 -15.68 4.80
N ASP C 128 -6.61 -15.01 5.43
CA ASP C 128 -6.01 -13.79 4.93
C ASP C 128 -5.40 -14.01 3.53
N LYS C 129 -4.65 -15.11 3.36
CA LYS C 129 -4.01 -15.46 2.13
C LYS C 129 -5.02 -15.74 1.02
N PHE C 130 -6.12 -16.32 1.45
CA PHE C 130 -7.16 -16.73 0.52
C PHE C 130 -7.88 -15.47 -0.01
N LEU C 131 -8.16 -14.60 0.95
CA LEU C 131 -8.84 -13.32 0.69
C LEU C 131 -7.96 -12.44 -0.13
N ALA C 132 -6.64 -12.39 0.09
CA ALA C 132 -5.70 -11.64 -0.72
C ALA C 132 -5.66 -12.14 -2.19
N ALA C 133 -5.77 -13.43 -2.38
CA ALA C 133 -5.79 -14.12 -3.66
C ALA C 133 -7.09 -13.91 -4.45
N VAL C 134 -8.23 -13.74 -3.80
CA VAL C 134 -9.54 -13.49 -4.40
C VAL C 134 -9.52 -12.05 -4.95
N SER C 135 -8.95 -11.17 -4.15
CA SER C 135 -8.73 -9.78 -4.43
C SER C 135 -7.87 -9.56 -5.69
N ALA C 136 -6.72 -10.24 -5.75
CA ALA C 136 -5.80 -10.22 -6.84
C ALA C 136 -6.46 -10.73 -8.13
N ALA C 137 -7.30 -11.75 -8.01
CA ALA C 137 -8.01 -12.29 -9.17
C ALA C 137 -9.04 -11.27 -9.65
N LEU C 138 -9.65 -10.52 -8.76
CA LEU C 138 -10.66 -9.52 -9.12
C LEU C 138 -10.04 -8.27 -9.76
N ALA C 139 -8.80 -7.97 -9.40
CA ALA C 139 -8.02 -6.87 -9.88
C ALA C 139 -7.09 -7.19 -11.07
N ASP C 140 -7.22 -8.38 -11.61
CA ASP C 140 -6.43 -8.84 -12.72
C ASP C 140 -6.82 -8.20 -14.03
N LYS C 141 -8.07 -7.98 -14.42
CA LYS C 141 -8.36 -7.36 -15.72
C LYS C 141 -8.33 -5.83 -15.77
N TYR C 142 -7.75 -5.10 -14.84
CA TYR C 142 -7.73 -3.65 -14.82
C TYR C 142 -6.80 -3.00 -15.83
N ARG C 143 -5.66 -3.64 -16.14
CA ARG C 143 -4.75 -3.00 -17.12
C ARG C 143 -3.93 -4.04 -17.86
N VAL D 1 -7.07 16.30 14.28
CA VAL D 1 -8.48 16.53 13.92
C VAL D 1 -9.34 16.93 15.12
N GLU D 2 -10.58 17.22 14.77
CA GLU D 2 -11.65 17.60 15.65
C GLU D 2 -12.28 16.34 16.28
N TRP D 3 -12.36 16.34 17.62
CA TRP D 3 -12.99 15.18 18.26
C TRP D 3 -14.28 15.66 18.91
N THR D 4 -15.40 14.97 18.72
CA THR D 4 -16.58 15.46 19.45
C THR D 4 -16.48 14.89 20.88
N ASP D 5 -17.23 15.46 21.81
CA ASP D 5 -17.25 15.02 23.18
C ASP D 5 -17.78 13.59 23.21
N ALA D 6 -18.79 13.30 22.41
CA ALA D 6 -19.28 11.89 22.42
C ALA D 6 -18.23 10.94 21.86
N GLU D 7 -17.48 11.36 20.86
CA GLU D 7 -16.45 10.58 20.22
C GLU D 7 -15.37 10.16 21.20
N LYS D 8 -14.96 11.19 21.97
CA LYS D 8 -13.90 11.03 22.96
C LYS D 8 -14.26 10.04 24.05
N SER D 9 -15.52 10.07 24.44
CA SER D 9 -16.09 9.22 25.47
C SER D 9 -16.24 7.78 24.97
N THR D 10 -16.48 7.66 23.66
CA THR D 10 -16.63 6.32 23.05
C THR D 10 -15.28 5.64 23.12
N ILE D 11 -14.25 6.41 22.78
CA ILE D 11 -12.89 5.89 22.82
C ILE D 11 -12.44 5.46 24.19
N SER D 12 -12.62 6.35 25.19
CA SER D 12 -12.19 5.98 26.56
C SER D 12 -13.12 4.90 27.09
N ALA D 13 -14.37 4.83 26.59
CA ALA D 13 -15.25 3.74 26.96
C ALA D 13 -14.72 2.43 26.33
N VAL D 14 -14.23 2.49 25.09
CA VAL D 14 -13.70 1.26 24.47
C VAL D 14 -12.43 0.81 25.15
N TRP D 15 -11.54 1.78 25.35
CA TRP D 15 -10.24 1.51 25.97
C TRP D 15 -10.39 0.98 27.39
N GLY D 16 -11.40 1.41 28.13
CA GLY D 16 -11.75 0.99 29.46
C GLY D 16 -12.05 -0.49 29.69
N LYS D 17 -12.53 -1.29 28.73
CA LYS D 17 -12.79 -2.69 28.85
C LYS D 17 -11.57 -3.55 28.47
N VAL D 18 -10.57 -2.84 27.97
CA VAL D 18 -9.33 -3.45 27.50
C VAL D 18 -8.33 -3.62 28.62
N ASN D 19 -7.78 -4.81 28.70
CA ASN D 19 -6.73 -5.12 29.70
C ASN D 19 -5.43 -5.33 28.88
N ILE D 20 -4.55 -4.37 29.05
CA ILE D 20 -3.23 -4.28 28.43
C ILE D 20 -2.47 -5.57 28.55
N ASP D 21 -2.53 -6.17 29.73
CA ASP D 21 -1.89 -7.43 30.02
C ASP D 21 -2.49 -8.55 29.22
N GLU D 22 -3.75 -8.44 28.78
CA GLU D 22 -4.30 -9.51 27.96
C GLU D 22 -4.14 -9.20 26.46
N ILE D 23 -4.68 -8.03 26.06
CA ILE D 23 -4.64 -7.67 24.65
C ILE D 23 -3.26 -7.39 24.13
N GLY D 24 -2.38 -6.74 24.88
CA GLY D 24 -1.01 -6.47 24.45
C GLY D 24 -0.32 -7.62 23.75
N PRO D 25 -0.03 -8.68 24.52
CA PRO D 25 0.60 -9.90 24.03
C PRO D 25 -0.22 -10.58 22.93
N LEU D 26 -1.56 -10.66 23.00
CA LEU D 26 -2.33 -11.25 21.90
C LEU D 26 -2.10 -10.65 20.51
N ALA D 27 -2.23 -9.34 20.37
CA ALA D 27 -2.05 -8.56 19.14
C ALA D 27 -0.65 -8.57 18.58
N LEU D 28 0.41 -8.25 19.33
CA LEU D 28 1.79 -8.27 18.85
C LEU D 28 2.23 -9.65 18.39
N ALA D 29 1.76 -10.67 19.09
CA ALA D 29 2.08 -12.06 18.74
C ALA D 29 1.42 -12.41 17.41
N ARG D 30 0.20 -11.98 17.19
CA ARG D 30 -0.56 -12.25 15.98
C ARG D 30 0.10 -11.55 14.78
N VAL D 31 0.57 -10.32 15.03
CA VAL D 31 1.30 -9.52 14.05
C VAL D 31 2.54 -10.29 13.64
N LEU D 32 3.30 -10.88 14.60
CA LEU D 32 4.47 -11.65 14.17
C LEU D 32 4.13 -12.94 13.47
N ILE D 33 2.93 -13.46 13.69
CA ILE D 33 2.55 -14.73 13.05
C ILE D 33 1.95 -14.47 11.68
N VAL D 34 0.93 -13.61 11.52
CA VAL D 34 0.29 -13.41 10.20
C VAL D 34 1.17 -12.72 9.20
N TYR D 35 2.03 -11.78 9.52
CA TYR D 35 2.96 -11.07 8.65
C TYR D 35 4.37 -11.31 9.19
N PRO D 36 4.88 -12.51 8.94
CA PRO D 36 6.15 -12.98 9.43
C PRO D 36 7.35 -12.14 9.11
N TRP D 37 7.33 -11.23 8.15
CA TRP D 37 8.53 -10.43 7.87
C TRP D 37 8.74 -9.40 8.98
N THR D 38 7.71 -9.19 9.82
CA THR D 38 7.81 -8.23 10.89
C THR D 38 8.78 -8.71 11.96
N GLN D 39 9.07 -10.01 11.97
CA GLN D 39 9.97 -10.59 12.92
C GLN D 39 11.39 -10.06 12.80
N ARG D 40 11.91 -9.81 11.58
CA ARG D 40 13.29 -9.37 11.42
C ARG D 40 13.58 -8.06 12.12
N TYR D 41 12.60 -7.26 12.47
CA TYR D 41 12.76 -6.01 13.16
C TYR D 41 13.06 -6.20 14.64
N PHE D 42 12.47 -7.27 15.18
CA PHE D 42 12.63 -7.58 16.61
C PHE D 42 13.80 -8.53 16.79
N GLY D 43 15.01 -8.00 16.83
CA GLY D 43 16.23 -8.75 16.98
C GLY D 43 16.42 -9.62 18.19
N SER D 44 16.54 -9.12 19.40
CA SER D 44 16.75 -9.86 20.63
C SER D 44 15.73 -10.81 21.20
N PHE D 45 14.48 -10.79 20.83
CA PHE D 45 13.37 -11.57 21.33
C PHE D 45 13.51 -13.07 21.37
N GLY D 46 14.40 -13.67 20.57
CA GLY D 46 14.66 -15.06 20.54
C GLY D 46 13.94 -16.01 19.62
N ASN D 47 13.35 -17.07 20.20
CA ASN D 47 12.64 -18.14 19.54
C ASN D 47 11.11 -17.90 19.36
N VAL D 48 10.96 -17.37 18.19
CA VAL D 48 9.96 -16.87 17.31
C VAL D 48 9.75 -17.91 16.23
N SER D 49 10.60 -18.94 16.25
CA SER D 49 10.64 -20.09 15.36
C SER D 49 9.29 -20.70 15.04
N THR D 50 8.31 -20.63 15.94
CA THR D 50 7.02 -21.16 15.66
C THR D 50 5.98 -20.21 16.24
N PRO D 51 4.73 -20.43 15.87
CA PRO D 51 3.57 -19.74 16.38
C PRO D 51 3.52 -20.08 17.88
N ALA D 52 3.81 -21.35 18.17
CA ALA D 52 3.82 -21.84 19.56
C ALA D 52 4.97 -21.14 20.30
N ALA D 53 6.10 -21.03 19.61
CA ALA D 53 7.28 -20.37 20.09
C ALA D 53 6.96 -18.90 20.29
N ILE D 54 6.38 -18.30 19.24
CA ILE D 54 6.00 -16.89 19.30
C ILE D 54 4.99 -16.71 20.43
N MET D 55 3.91 -17.47 20.38
CA MET D 55 2.84 -17.35 21.39
C MET D 55 3.35 -17.52 22.81
N GLY D 56 4.31 -18.44 23.05
CA GLY D 56 4.83 -18.62 24.40
C GLY D 56 5.96 -17.70 24.80
N ASN D 57 6.38 -16.79 23.92
CA ASN D 57 7.47 -15.88 24.20
C ASN D 57 7.01 -14.65 25.02
N PRO D 58 7.79 -14.56 26.11
CA PRO D 58 7.70 -13.60 27.17
C PRO D 58 8.33 -12.28 26.82
N LYS D 59 9.29 -12.30 25.90
CA LYS D 59 9.86 -10.97 25.52
C LYS D 59 8.88 -10.25 24.60
N VAL D 60 8.12 -11.09 23.89
CA VAL D 60 7.04 -10.71 23.00
C VAL D 60 5.92 -10.24 23.91
N ALA D 61 5.53 -11.10 24.86
CA ALA D 61 4.48 -10.70 25.82
C ALA D 61 4.64 -9.25 26.28
N ALA D 62 5.80 -8.98 26.89
CA ALA D 62 6.24 -7.71 27.41
C ALA D 62 6.30 -6.55 26.45
N HIS D 63 6.79 -6.78 25.20
CA HIS D 63 6.79 -5.63 24.28
C HIS D 63 5.36 -5.28 23.91
N GLY D 64 4.43 -6.25 23.92
CA GLY D 64 3.03 -6.05 23.62
C GLY D 64 2.42 -5.11 24.63
N LYS D 65 2.88 -5.22 25.89
CA LYS D 65 2.38 -4.33 26.94
C LYS D 65 3.07 -2.97 26.80
N VAL D 66 4.30 -2.96 26.28
CA VAL D 66 4.96 -1.65 26.06
C VAL D 66 4.17 -0.86 25.02
N VAL D 67 3.83 -1.51 23.90
CA VAL D 67 3.02 -0.89 22.84
C VAL D 67 1.68 -0.38 23.32
N CYS D 68 0.97 -1.12 24.17
CA CYS D 68 -0.32 -0.71 24.73
C CYS D 68 -0.19 0.50 25.63
N GLY D 69 0.89 0.68 26.38
CA GLY D 69 1.03 1.88 27.22
C GLY D 69 1.15 3.16 26.38
N ALA D 70 1.77 3.00 25.19
CA ALA D 70 1.91 4.14 24.25
C ALA D 70 0.55 4.56 23.72
N LEU D 71 -0.32 3.59 23.42
CA LEU D 71 -1.68 3.80 22.98
C LEU D 71 -2.51 4.44 24.08
N ASP D 72 -2.16 4.09 25.34
CA ASP D 72 -2.94 4.65 26.44
C ASP D 72 -2.74 6.14 26.55
N LYS D 73 -1.51 6.60 26.28
CA LYS D 73 -1.18 8.03 26.30
C LYS D 73 -1.95 8.78 25.19
N ALA D 74 -2.12 8.14 24.03
CA ALA D 74 -2.92 8.75 22.96
C ALA D 74 -4.36 8.88 23.47
N VAL D 75 -4.93 7.83 24.10
CA VAL D 75 -6.28 7.93 24.65
C VAL D 75 -6.45 9.03 25.69
N LYS D 76 -5.43 9.16 26.54
CA LYS D 76 -5.39 10.19 27.56
C LYS D 76 -5.24 11.60 26.97
N ASN D 77 -4.40 11.74 25.97
CA ASN D 77 -4.04 12.92 25.24
C ASN D 77 -4.56 13.11 23.85
N MET D 78 -5.82 12.75 23.56
CA MET D 78 -6.38 12.82 22.21
C MET D 78 -6.17 14.11 21.43
N GLY D 79 -5.73 15.17 22.04
CA GLY D 79 -5.44 16.45 21.48
C GLY D 79 -3.98 16.61 21.02
N ASN D 80 -2.99 16.15 21.76
CA ASN D 80 -1.60 16.29 21.38
C ASN D 80 -1.00 15.02 20.84
N ILE D 81 -1.80 14.24 20.10
CA ILE D 81 -1.20 12.95 19.67
C ILE D 81 -0.01 13.19 18.77
N LEU D 82 -0.05 14.20 17.87
CA LEU D 82 1.12 14.42 17.01
C LEU D 82 2.35 14.83 17.82
N ALA D 83 2.08 15.63 18.83
CA ALA D 83 3.15 16.08 19.73
C ALA D 83 3.61 14.90 20.60
N THR D 84 2.67 14.18 21.21
CA THR D 84 2.98 13.02 22.05
C THR D 84 3.94 12.04 21.42
N TYR D 85 3.71 11.74 20.14
CA TYR D 85 4.49 10.77 19.36
C TYR D 85 5.58 11.26 18.44
N LYS D 86 6.29 12.37 18.69
CA LYS D 86 7.35 12.78 17.76
C LYS D 86 8.63 11.95 17.84
N SER D 87 8.99 11.60 19.05
CA SER D 87 10.18 10.85 19.39
C SER D 87 10.04 9.36 19.09
N LEU D 88 8.79 8.89 19.18
CA LEU D 88 8.47 7.49 18.88
C LEU D 88 8.60 7.38 17.35
N SER D 89 8.05 8.44 16.69
CA SER D 89 8.13 8.44 15.23
C SER D 89 9.58 8.52 14.81
N GLU D 90 10.35 9.43 15.41
CA GLU D 90 11.77 9.50 15.06
C GLU D 90 12.48 8.19 15.27
N THR D 91 12.25 7.48 16.38
CA THR D 91 12.97 6.23 16.59
C THR D 91 12.58 5.15 15.60
N HIS D 92 11.29 5.00 15.31
CA HIS D 92 10.90 3.94 14.35
C HIS D 92 11.51 4.24 13.00
N ALA D 93 11.59 5.51 12.60
CA ALA D 93 12.19 5.86 11.33
C ALA D 93 13.70 5.85 11.26
N ASN D 94 14.39 6.64 12.08
CA ASN D 94 15.83 6.74 12.00
C ASN D 94 16.63 5.78 12.81
N LYS D 95 16.00 5.12 13.77
CA LYS D 95 16.91 4.23 14.56
C LYS D 95 16.66 2.82 14.10
N LEU D 96 15.35 2.57 13.97
CA LEU D 96 14.84 1.25 13.64
C LEU D 96 14.61 0.99 12.18
N PHE D 97 14.31 2.01 11.37
CA PHE D 97 14.07 1.81 9.94
C PHE D 97 12.93 0.87 9.61
N VAL D 98 11.83 1.03 10.34
CA VAL D 98 10.66 0.19 10.14
C VAL D 98 9.88 0.73 8.94
N ASP D 99 9.68 -0.13 7.94
CA ASP D 99 8.89 0.28 6.78
C ASP D 99 7.54 0.72 7.38
N PRO D 100 7.11 1.91 7.06
CA PRO D 100 5.92 2.52 7.59
C PRO D 100 4.58 1.90 7.28
N ASP D 101 4.50 0.88 6.44
CA ASP D 101 3.24 0.24 6.11
C ASP D 101 2.85 -0.67 7.27
N ASN D 102 3.90 -1.13 7.96
CA ASN D 102 3.71 -1.99 9.12
C ASN D 102 2.85 -1.36 10.20
N PHE D 103 2.75 -0.04 10.29
CA PHE D 103 1.87 0.57 11.29
C PHE D 103 0.41 0.24 11.01
N ARG D 104 -0.01 0.24 9.72
CA ARG D 104 -1.41 -0.06 9.44
C ARG D 104 -1.70 -1.55 9.65
N VAL D 105 -0.77 -2.43 9.36
CA VAL D 105 -0.95 -3.87 9.60
C VAL D 105 -1.22 -4.13 11.11
N LEU D 106 -0.42 -3.49 11.97
CA LEU D 106 -0.53 -3.58 13.40
C LEU D 106 -1.91 -3.08 13.82
N ALA D 107 -2.30 -1.89 13.41
CA ALA D 107 -3.59 -1.32 13.73
C ALA D 107 -4.77 -2.23 13.38
N ASP D 108 -4.66 -2.90 12.24
CA ASP D 108 -5.68 -3.82 11.75
C ASP D 108 -5.74 -5.08 12.59
N VAL D 109 -4.58 -5.64 12.99
CA VAL D 109 -4.58 -6.84 13.85
C VAL D 109 -5.07 -6.49 15.26
N LEU D 110 -4.72 -5.36 15.85
CA LEU D 110 -5.21 -5.01 17.18
C LEU D 110 -6.73 -4.92 17.15
N THR D 111 -7.28 -4.39 16.05
CA THR D 111 -8.73 -4.27 15.91
C THR D 111 -9.41 -5.63 15.88
N ILE D 112 -8.84 -6.63 15.21
CA ILE D 112 -9.43 -7.98 15.15
C ILE D 112 -9.47 -8.69 16.50
N VAL D 113 -8.45 -8.43 17.34
CA VAL D 113 -8.32 -8.98 18.67
C VAL D 113 -9.40 -8.36 19.58
N ILE D 114 -9.58 -7.04 19.47
CA ILE D 114 -10.57 -6.36 20.30
C ILE D 114 -11.97 -6.79 19.94
N ALA D 115 -12.19 -7.09 18.68
CA ALA D 115 -13.47 -7.50 18.16
C ALA D 115 -13.85 -8.89 18.69
N ALA D 116 -12.88 -9.80 18.55
CA ALA D 116 -13.03 -11.18 19.02
C ALA D 116 -13.21 -11.12 20.54
N LYS D 117 -12.58 -10.17 21.22
CA LYS D 117 -12.71 -9.98 22.64
C LYS D 117 -14.06 -9.38 23.02
N PHE D 118 -14.46 -8.31 22.31
CA PHE D 118 -15.73 -7.63 22.66
C PHE D 118 -16.94 -8.27 22.01
N GLY D 119 -16.75 -9.10 20.98
CA GLY D 119 -17.92 -9.70 20.33
C GLY D 119 -18.90 -8.69 19.84
N ALA D 120 -20.19 -9.08 19.83
CA ALA D 120 -21.26 -8.22 19.35
C ALA D 120 -21.37 -6.83 19.90
N SER D 121 -20.73 -6.45 20.98
CA SER D 121 -20.80 -5.12 21.54
C SER D 121 -19.82 -4.17 20.85
N PHE D 122 -18.96 -4.69 20.00
CA PHE D 122 -18.06 -3.98 19.14
C PHE D 122 -18.92 -3.71 17.86
N THR D 123 -19.75 -2.66 17.94
CA THR D 123 -20.67 -2.32 16.87
C THR D 123 -20.06 -1.51 15.73
N PRO D 124 -20.75 -1.55 14.58
CA PRO D 124 -20.34 -0.84 13.37
C PRO D 124 -19.92 0.57 13.71
N GLU D 125 -20.72 1.29 14.44
CA GLU D 125 -20.61 2.62 14.96
C GLU D 125 -19.37 2.86 15.83
N ILE D 126 -19.22 1.90 16.77
CA ILE D 126 -18.07 1.95 17.68
C ILE D 126 -16.85 1.73 16.83
N GLN D 127 -16.93 0.63 16.04
CA GLN D 127 -15.85 0.31 15.11
C GLN D 127 -15.46 1.57 14.33
N ALA D 128 -16.48 2.29 13.84
CA ALA D 128 -16.28 3.52 13.10
C ALA D 128 -15.51 4.55 13.93
N THR D 129 -15.76 4.75 15.25
CA THR D 129 -14.90 5.80 15.86
C THR D 129 -13.60 5.20 16.35
N TRP D 130 -13.55 3.87 16.47
CA TRP D 130 -12.31 3.18 16.82
C TRP D 130 -11.33 3.37 15.64
N GLN D 131 -11.88 3.23 14.43
CA GLN D 131 -11.21 3.37 13.15
C GLN D 131 -10.74 4.80 12.90
N LYS D 132 -11.49 5.84 13.26
CA LYS D 132 -11.00 7.20 13.13
C LYS D 132 -9.77 7.41 14.05
N PHE D 133 -9.78 6.86 15.28
CA PHE D 133 -8.69 6.94 16.24
C PHE D 133 -7.41 6.22 15.81
N MET D 134 -7.55 5.05 15.22
CA MET D 134 -6.47 4.26 14.66
C MET D 134 -5.79 5.00 13.47
N LYS D 135 -6.53 5.74 12.61
CA LYS D 135 -5.85 6.43 11.51
C LYS D 135 -5.11 7.64 12.08
N VAL D 136 -5.60 8.28 13.11
CA VAL D 136 -4.85 9.39 13.73
C VAL D 136 -3.54 8.87 14.29
N VAL D 137 -3.59 7.73 15.01
CA VAL D 137 -2.41 7.08 15.58
C VAL D 137 -1.36 6.70 14.53
N VAL D 138 -1.86 6.11 13.44
CA VAL D 138 -1.05 5.68 12.33
C VAL D 138 -0.41 6.91 11.66
N ALA D 139 -1.16 8.00 11.56
CA ALA D 139 -0.66 9.27 11.08
C ALA D 139 0.49 9.73 11.99
N ALA D 140 0.20 9.85 13.30
CA ALA D 140 1.21 10.30 14.25
C ALA D 140 2.50 9.49 14.20
N MET D 141 2.44 8.16 14.08
CA MET D 141 3.57 7.27 14.03
C MET D 141 4.43 7.43 12.78
N GLY D 142 3.77 7.74 11.66
CA GLY D 142 4.51 7.90 10.39
C GLY D 142 4.80 9.37 10.11
N SER D 143 4.67 10.24 11.10
CA SER D 143 4.88 11.67 11.05
C SER D 143 6.28 12.21 10.93
N ARG D 144 7.37 11.51 11.22
CA ARG D 144 8.72 12.06 11.10
C ARG D 144 9.57 11.27 10.10
N TYR D 145 8.84 10.67 9.18
CA TYR D 145 9.45 9.90 8.09
C TYR D 145 9.63 10.89 6.93
N PHE D 146 10.84 11.38 6.70
CA PHE D 146 11.13 12.33 5.65
C PHE D 146 12.44 12.04 4.92
#